data_3UFC
#
_entry.id   3UFC
#
_cell.length_a   79.805
_cell.length_b   79.805
_cell.length_c   117.362
_cell.angle_alpha   90.00
_cell.angle_beta   90.00
_cell.angle_gamma   120.00
#
_symmetry.space_group_name_H-M   'P 31 2 1'
#
loop_
_entity.id
_entity.type
_entity.pdbx_description
1 polymer 'Putative uncharacterized protein'
2 water water
#
_entity_poly.entity_id   1
_entity_poly.type   'polypeptide(L)'
_entity_poly.pdbx_seq_one_letter_code
;GGMRIEIKLLPLQDNPVIPFNYNYELYSQIVEKAGAIEPRIVKLLESPHGYWTFSRIIIRKREIIPEKGIKILSDDISLY
ISSSNKEIIKGIVEGIEKSPEFKIGDVGFLVADIKALKSKEIKNVNIFSTLSPIVVRTVKFEGDKLKHWDLYPHDELFLD
RLRKVMLLRYHEVMGDLPEDKDFRIELIKFKPTRLIVKDSYIRGSLMVFRYYGSKEIAKFGYENGFGEKTNLGFGMVKII
EEQ
;
_entity_poly.pdbx_strand_id   X
#
# COMPACT_ATOMS: atom_id res chain seq x y z
N GLY A 1 4.54 17.46 2.90
CA GLY A 1 3.58 17.11 1.81
C GLY A 1 3.85 15.74 1.21
N GLY A 2 5.08 15.26 1.35
CA GLY A 2 5.42 13.95 0.81
C GLY A 2 5.25 13.91 -0.70
N MET A 3 5.45 12.73 -1.28
CA MET A 3 5.32 12.56 -2.72
C MET A 3 4.73 11.21 -3.10
N ARG A 4 4.09 11.20 -4.27
CA ARG A 4 3.46 10.01 -4.82
C ARG A 4 4.07 9.82 -6.21
N ILE A 5 4.54 8.60 -6.50
CA ILE A 5 5.14 8.33 -7.80
C ILE A 5 4.56 7.11 -8.50
N GLU A 6 4.77 7.05 -9.81
CA GLU A 6 4.31 5.93 -10.62
C GLU A 6 5.54 5.35 -11.30
N ILE A 7 5.72 4.05 -11.16
CA ILE A 7 6.84 3.35 -11.75
C ILE A 7 6.28 2.44 -12.85
N LYS A 8 6.72 2.65 -14.08
CA LYS A 8 6.27 1.82 -15.19
C LYS A 8 7.21 0.64 -15.26
N LEU A 9 6.65 -0.55 -15.43
CA LEU A 9 7.48 -1.75 -15.50
C LEU A 9 7.33 -2.42 -16.85
N LEU A 10 8.44 -2.96 -17.35
CA LEU A 10 8.45 -3.66 -18.62
C LEU A 10 8.93 -5.08 -18.37
N PRO A 11 8.07 -6.08 -18.66
CA PRO A 11 8.47 -7.48 -18.44
C PRO A 11 9.47 -7.89 -19.53
N LEU A 12 10.51 -8.60 -19.12
CA LEU A 12 11.53 -9.05 -20.06
C LEU A 12 10.97 -10.15 -20.96
N GLN A 13 10.12 -10.99 -20.39
CA GLN A 13 9.51 -12.09 -21.14
C GLN A 13 8.12 -11.66 -21.61
N ASP A 14 7.61 -12.32 -22.65
CA ASP A 14 6.30 -11.98 -23.19
C ASP A 14 5.19 -12.81 -22.56
N ASN A 15 4.03 -12.18 -22.34
CA ASN A 15 2.89 -12.85 -21.74
C ASN A 15 3.28 -13.71 -20.54
N PRO A 16 4.10 -13.15 -19.63
CA PRO A 16 4.53 -13.91 -18.46
C PRO A 16 3.40 -14.09 -17.44
N VAL A 17 3.60 -15.03 -16.54
CA VAL A 17 2.62 -15.29 -15.48
C VAL A 17 3.35 -15.07 -14.16
N ILE A 18 2.91 -14.08 -13.39
CA ILE A 18 3.52 -13.81 -12.11
C ILE A 18 2.67 -14.38 -10.99
N PRO A 19 3.30 -14.78 -9.87
CA PRO A 19 2.51 -15.34 -8.77
C PRO A 19 1.63 -14.25 -8.16
N PHE A 20 0.55 -14.63 -7.50
CA PHE A 20 -0.34 -13.65 -6.88
C PHE A 20 0.27 -12.99 -5.63
N ASN A 21 0.99 -13.79 -4.84
CA ASN A 21 1.57 -13.33 -3.57
C ASN A 21 3.01 -12.83 -3.63
N TYR A 22 3.23 -11.70 -4.28
CA TYR A 22 4.58 -11.15 -4.43
C TYR A 22 4.93 -10.01 -3.47
N ASN A 23 4.00 -9.64 -2.60
CA ASN A 23 4.26 -8.52 -1.69
C ASN A 23 5.58 -8.48 -0.95
N TYR A 24 5.92 -9.54 -0.23
CA TYR A 24 7.18 -9.51 0.52
C TYR A 24 8.40 -9.42 -0.37
N GLU A 25 8.36 -10.11 -1.51
CA GLU A 25 9.48 -10.09 -2.45
C GLU A 25 9.67 -8.69 -3.04
N LEU A 26 8.56 -8.05 -3.41
CA LEU A 26 8.60 -6.71 -3.97
C LEU A 26 9.09 -5.71 -2.91
N TYR A 27 8.50 -5.80 -1.73
CA TYR A 27 8.88 -4.97 -0.59
C TYR A 27 10.37 -5.06 -0.32
N SER A 28 10.87 -6.29 -0.27
CA SER A 28 12.28 -6.55 0.00
C SER A 28 13.21 -5.87 -1.01
N GLN A 29 12.87 -5.98 -2.29
CA GLN A 29 13.69 -5.39 -3.34
C GLN A 29 13.70 -3.87 -3.26
N ILE A 30 12.55 -3.26 -2.98
CA ILE A 30 12.49 -1.81 -2.87
C ILE A 30 13.38 -1.36 -1.71
N VAL A 31 13.24 -2.02 -0.56
CA VAL A 31 14.04 -1.68 0.61
C VAL A 31 15.53 -1.90 0.34
N GLU A 32 15.85 -3.01 -0.32
CA GLU A 32 17.24 -3.32 -0.64
C GLU A 32 17.81 -2.22 -1.54
N LYS A 33 17.08 -1.85 -2.57
CA LYS A 33 17.54 -0.82 -3.49
C LYS A 33 17.69 0.56 -2.83
N ALA A 34 16.74 0.93 -1.97
CA ALA A 34 16.79 2.21 -1.30
C ALA A 34 17.91 2.26 -0.26
N GLY A 35 18.10 1.14 0.43
CA GLY A 35 19.13 1.09 1.46
C GLY A 35 20.53 1.23 0.90
N ALA A 36 20.76 0.75 -0.32
CA ALA A 36 22.07 0.83 -0.95
C ALA A 36 22.52 2.28 -1.11
N ILE A 37 21.57 3.18 -1.27
CA ILE A 37 21.87 4.60 -1.43
C ILE A 37 21.85 5.39 -0.14
N GLU A 38 21.03 4.95 0.82
CA GLU A 38 20.92 5.63 2.10
C GLU A 38 20.50 4.63 3.17
N PRO A 39 21.47 3.95 3.79
CA PRO A 39 21.23 2.95 4.83
C PRO A 39 20.40 3.46 6.00
N ARG A 40 20.33 4.77 6.15
CA ARG A 40 19.60 5.37 7.26
C ARG A 40 18.07 5.35 7.15
N ILE A 41 17.54 5.13 5.94
CA ILE A 41 16.09 5.08 5.79
C ILE A 41 15.55 3.66 5.82
N VAL A 42 16.44 2.68 5.95
CA VAL A 42 15.99 1.29 5.99
C VAL A 42 15.11 1.06 7.22
N LYS A 43 15.48 1.67 8.34
CA LYS A 43 14.71 1.53 9.57
C LYS A 43 13.30 2.09 9.40
N LEU A 44 13.18 3.18 8.64
CA LEU A 44 11.87 3.77 8.40
C LEU A 44 11.06 2.90 7.44
N LEU A 45 11.74 2.37 6.43
CA LEU A 45 11.11 1.52 5.44
C LEU A 45 10.56 0.22 6.03
N GLU A 46 11.28 -0.34 7.00
CA GLU A 46 10.87 -1.61 7.62
C GLU A 46 9.99 -1.48 8.86
N SER A 47 9.80 -0.26 9.34
CA SER A 47 8.98 -0.06 10.53
C SER A 47 7.52 -0.43 10.32
N PRO A 48 6.94 -1.19 11.26
CA PRO A 48 5.53 -1.60 11.14
C PRO A 48 4.55 -0.44 11.29
N HIS A 49 5.04 0.76 11.62
CA HIS A 49 4.14 1.90 11.76
C HIS A 49 3.75 2.50 10.39
N GLY A 50 4.35 1.98 9.34
CA GLY A 50 4.04 2.43 8.00
C GLY A 50 4.41 3.85 7.64
N TYR A 51 5.69 4.07 7.39
CA TYR A 51 6.19 5.39 7.02
C TYR A 51 5.96 5.63 5.53
N TRP A 52 5.41 4.63 4.85
CA TRP A 52 5.14 4.72 3.42
C TRP A 52 4.21 3.60 3.01
N THR A 53 3.82 3.58 1.75
CA THR A 53 2.94 2.54 1.23
C THR A 53 3.20 2.35 -0.25
N PHE A 54 2.71 1.24 -0.80
CA PHE A 54 2.81 1.01 -2.23
C PHE A 54 1.62 0.17 -2.67
N SER A 55 1.29 0.30 -3.94
CA SER A 55 0.15 -0.41 -4.51
C SER A 55 0.49 -1.81 -4.97
N ARG A 56 -0.53 -2.51 -5.43
CA ARG A 56 -0.34 -3.83 -5.99
C ARG A 56 0.12 -3.48 -7.42
N ILE A 57 0.71 -4.44 -8.12
CA ILE A 57 1.14 -4.16 -9.48
C ILE A 57 -0.13 -4.00 -10.31
N ILE A 58 -0.32 -2.83 -10.90
CA ILE A 58 -1.51 -2.54 -11.71
C ILE A 58 -1.26 -2.88 -13.18
N ILE A 59 -1.95 -3.91 -13.66
CA ILE A 59 -1.81 -4.38 -15.03
C ILE A 59 -3.08 -4.07 -15.84
N ARG A 60 -2.94 -3.26 -16.88
CA ARG A 60 -4.06 -2.86 -17.72
C ARG A 60 -4.87 -4.04 -18.26
N LYS A 61 -4.19 -5.04 -18.80
CA LYS A 61 -4.86 -6.22 -19.34
C LYS A 61 -4.25 -7.46 -18.73
N ARG A 62 -5.03 -8.14 -17.89
CA ARG A 62 -4.56 -9.33 -17.19
C ARG A 62 -5.56 -10.48 -17.25
N GLU A 63 -5.09 -11.67 -16.91
CA GLU A 63 -5.92 -12.86 -16.88
C GLU A 63 -5.53 -13.71 -15.68
N ILE A 64 -6.50 -13.98 -14.81
CA ILE A 64 -6.25 -14.79 -13.62
C ILE A 64 -6.22 -16.27 -14.00
N ILE A 65 -5.08 -16.91 -13.77
CA ILE A 65 -4.92 -18.33 -14.06
C ILE A 65 -4.91 -19.08 -12.73
N PRO A 66 -6.05 -19.65 -12.33
CA PRO A 66 -6.16 -20.40 -11.07
C PRO A 66 -4.97 -21.34 -10.85
N GLU A 67 -4.39 -21.27 -9.66
CA GLU A 67 -3.26 -22.12 -9.31
C GLU A 67 -2.02 -21.88 -10.17
N LYS A 68 -1.81 -20.62 -10.57
CA LYS A 68 -0.66 -20.25 -11.38
C LYS A 68 -0.24 -18.81 -11.10
N GLY A 69 -1.21 -17.90 -11.13
CA GLY A 69 -0.91 -16.51 -10.89
C GLY A 69 -1.65 -15.56 -11.81
N ILE A 70 -1.02 -14.43 -12.10
CA ILE A 70 -1.61 -13.42 -12.97
C ILE A 70 -0.89 -13.43 -14.32
N LYS A 71 -1.63 -13.63 -15.39
CA LYS A 71 -1.05 -13.63 -16.73
C LYS A 71 -1.10 -12.23 -17.30
N ILE A 72 0.08 -11.65 -17.57
CA ILE A 72 0.19 -10.30 -18.10
C ILE A 72 -0.04 -10.29 -19.61
N LEU A 73 -1.10 -9.61 -20.04
CA LEU A 73 -1.44 -9.51 -21.45
C LEU A 73 -1.19 -8.12 -22.00
N SER A 74 -0.32 -7.35 -21.36
CA SER A 74 -0.02 -6.01 -21.79
C SER A 74 1.28 -5.47 -21.20
N ASP A 75 1.89 -4.52 -21.89
CA ASP A 75 3.14 -3.91 -21.44
C ASP A 75 2.84 -2.68 -20.57
N ASP A 76 1.56 -2.36 -20.45
CA ASP A 76 1.13 -1.21 -19.65
C ASP A 76 0.97 -1.68 -18.20
N ILE A 77 2.07 -1.61 -17.46
CA ILE A 77 2.11 -2.06 -16.07
C ILE A 77 2.67 -0.98 -15.16
N SER A 78 1.97 -0.69 -14.07
CA SER A 78 2.41 0.34 -13.15
C SER A 78 2.45 -0.08 -11.70
N LEU A 79 3.38 0.52 -10.96
CA LEU A 79 3.54 0.28 -9.53
C LEU A 79 3.56 1.68 -8.91
N TYR A 80 2.63 1.96 -8.00
CA TYR A 80 2.58 3.27 -7.36
C TYR A 80 3.16 3.20 -5.95
N ILE A 81 3.89 4.24 -5.57
CA ILE A 81 4.51 4.32 -4.26
C ILE A 81 4.25 5.70 -3.70
N SER A 82 4.05 5.79 -2.38
CA SER A 82 3.81 7.08 -1.76
C SER A 82 4.31 7.14 -0.34
N SER A 83 4.59 8.37 0.13
CA SER A 83 5.05 8.60 1.48
C SER A 83 4.94 10.07 1.82
N SER A 84 4.71 10.38 3.09
CA SER A 84 4.61 11.77 3.54
C SER A 84 6.02 12.32 3.65
N ASN A 85 7.00 11.42 3.68
CA ASN A 85 8.40 11.79 3.82
C ASN A 85 9.11 11.82 2.46
N LYS A 86 9.42 13.03 1.99
CA LYS A 86 10.10 13.21 0.72
C LYS A 86 11.45 12.51 0.68
N GLU A 87 12.11 12.45 1.84
CA GLU A 87 13.42 11.80 1.93
C GLU A 87 13.29 10.31 1.62
N ILE A 88 12.16 9.71 1.99
CA ILE A 88 11.95 8.28 1.72
C ILE A 88 11.78 8.09 0.23
N ILE A 89 10.95 8.95 -0.37
CA ILE A 89 10.71 8.87 -1.80
C ILE A 89 11.99 9.06 -2.62
N LYS A 90 12.81 10.03 -2.25
CA LYS A 90 14.05 10.27 -2.99
C LYS A 90 15.00 9.09 -2.84
N GLY A 91 14.99 8.47 -1.67
CA GLY A 91 15.84 7.31 -1.45
C GLY A 91 15.39 6.17 -2.35
N ILE A 92 14.08 5.98 -2.45
CA ILE A 92 13.51 4.92 -3.29
C ILE A 92 13.74 5.20 -4.78
N VAL A 93 13.46 6.43 -5.21
CA VAL A 93 13.65 6.79 -6.61
C VAL A 93 15.10 6.61 -7.05
N GLU A 94 16.03 7.15 -6.26
CA GLU A 94 17.45 7.03 -6.57
C GLU A 94 17.87 5.57 -6.54
N GLY A 95 17.42 4.84 -5.53
CA GLY A 95 17.76 3.44 -5.41
C GLY A 95 17.31 2.64 -6.61
N ILE A 96 16.15 2.96 -7.14
CA ILE A 96 15.61 2.25 -8.30
C ILE A 96 16.29 2.70 -9.60
N GLU A 97 16.67 3.97 -9.67
CA GLU A 97 17.35 4.48 -10.86
C GLU A 97 18.70 3.79 -11.01
N LYS A 98 19.33 3.49 -9.88
CA LYS A 98 20.63 2.83 -9.87
C LYS A 98 20.53 1.33 -10.12
N SER A 99 19.45 0.72 -9.64
CA SER A 99 19.22 -0.72 -9.82
C SER A 99 17.78 -0.90 -10.28
N PRO A 100 17.52 -0.62 -11.58
CA PRO A 100 16.22 -0.71 -12.24
C PRO A 100 15.57 -2.06 -12.53
N GLU A 101 16.09 -3.15 -11.98
CA GLU A 101 15.49 -4.46 -12.25
C GLU A 101 14.74 -5.03 -11.05
N PHE A 102 13.58 -5.64 -11.34
CA PHE A 102 12.77 -6.27 -10.31
C PHE A 102 12.45 -7.70 -10.69
N LYS A 103 12.47 -8.59 -9.69
CA LYS A 103 12.18 -9.99 -9.90
C LYS A 103 10.92 -10.37 -9.13
N ILE A 104 9.89 -10.82 -9.84
CA ILE A 104 8.64 -11.21 -9.22
C ILE A 104 8.46 -12.68 -9.59
N GLY A 105 8.71 -13.58 -8.65
CA GLY A 105 8.61 -14.99 -8.95
C GLY A 105 9.71 -15.30 -9.96
N ASP A 106 9.36 -15.87 -11.09
CA ASP A 106 10.36 -16.19 -12.12
C ASP A 106 10.30 -15.17 -13.25
N VAL A 107 9.59 -14.08 -13.03
CA VAL A 107 9.46 -13.04 -14.06
C VAL A 107 10.30 -11.81 -13.73
N GLY A 108 11.11 -11.40 -14.69
CA GLY A 108 11.95 -10.23 -14.50
C GLY A 108 11.28 -9.02 -15.12
N PHE A 109 11.56 -7.84 -14.55
CA PHE A 109 11.00 -6.59 -15.05
C PHE A 109 12.09 -5.52 -15.10
N LEU A 110 11.95 -4.60 -16.03
CA LEU A 110 12.88 -3.49 -16.15
C LEU A 110 12.05 -2.23 -15.89
N VAL A 111 12.55 -1.34 -15.03
CA VAL A 111 11.81 -0.11 -14.78
C VAL A 111 11.91 0.72 -16.06
N ALA A 112 10.77 1.00 -16.67
CA ALA A 112 10.73 1.75 -17.92
C ALA A 112 10.63 3.26 -17.71
N ASP A 113 10.08 3.67 -16.57
CA ASP A 113 9.94 5.10 -16.30
C ASP A 113 9.46 5.34 -14.87
N ILE A 114 9.82 6.50 -14.34
CA ILE A 114 9.42 6.90 -13.00
C ILE A 114 8.88 8.32 -13.12
N LYS A 115 7.61 8.50 -12.78
CA LYS A 115 6.97 9.81 -12.88
C LYS A 115 6.34 10.21 -11.55
N ALA A 116 6.46 11.49 -11.22
CA ALA A 116 5.87 11.99 -9.98
C ALA A 116 4.43 12.33 -10.34
N LEU A 117 3.49 11.93 -9.49
CA LEU A 117 2.09 12.21 -9.75
C LEU A 117 1.66 13.45 -8.98
N LYS A 118 0.62 14.12 -9.44
CA LYS A 118 0.15 15.30 -8.75
C LYS A 118 -0.59 14.87 -7.49
N SER A 119 -0.19 15.44 -6.35
CA SER A 119 -0.84 15.12 -5.09
C SER A 119 -2.09 15.99 -5.00
N LYS A 120 -3.25 15.36 -5.10
CA LYS A 120 -4.52 16.08 -5.05
C LYS A 120 -4.83 16.65 -3.69
N GLU A 121 -5.64 17.71 -3.67
CA GLU A 121 -6.02 18.36 -2.42
C GLU A 121 -6.90 17.46 -1.57
N ILE A 122 -6.58 17.38 -0.29
CA ILE A 122 -7.34 16.55 0.64
C ILE A 122 -8.28 17.46 1.44
N LYS A 123 -9.56 17.11 1.48
CA LYS A 123 -10.53 17.90 2.21
C LYS A 123 -11.10 17.11 3.37
N ASN A 124 -12.12 17.65 4.03
CA ASN A 124 -12.74 16.95 5.16
C ASN A 124 -13.59 15.81 4.65
N VAL A 125 -13.97 15.88 3.39
CA VAL A 125 -14.76 14.84 2.76
C VAL A 125 -14.03 14.43 1.48
N ASN A 126 -13.76 13.14 1.35
CA ASN A 126 -13.06 12.62 0.18
C ASN A 126 -13.59 11.24 -0.22
N ILE A 127 -13.49 10.92 -1.49
CA ILE A 127 -13.88 9.59 -1.94
C ILE A 127 -12.54 8.94 -2.27
N PHE A 128 -12.24 7.85 -1.58
CA PHE A 128 -10.98 7.13 -1.79
C PHE A 128 -11.20 5.78 -2.45
N SER A 129 -10.25 5.36 -3.28
CA SER A 129 -10.33 4.07 -3.94
C SER A 129 -8.98 3.39 -3.73
N THR A 130 -9.01 2.13 -3.31
CA THR A 130 -7.78 1.38 -3.03
C THR A 130 -6.94 1.00 -4.24
N LEU A 131 -5.62 1.15 -4.08
CA LEU A 131 -4.66 0.75 -5.10
C LEU A 131 -4.01 -0.54 -4.55
N SER A 132 -4.15 -0.74 -3.24
CA SER A 132 -3.69 -1.95 -2.55
C SER A 132 -4.70 -2.13 -1.40
N PRO A 133 -5.00 -3.39 -1.02
CA PRO A 133 -5.97 -3.69 0.05
C PRO A 133 -5.73 -3.04 1.41
N ILE A 134 -6.81 -2.58 2.02
CA ILE A 134 -6.73 -1.98 3.34
C ILE A 134 -6.85 -3.08 4.40
N VAL A 135 -5.88 -3.11 5.31
CA VAL A 135 -5.83 -4.11 6.37
C VAL A 135 -6.11 -3.47 7.72
N VAL A 136 -7.08 -4.03 8.45
CA VAL A 136 -7.43 -3.55 9.78
C VAL A 136 -7.64 -4.78 10.62
N ARG A 137 -6.87 -4.92 11.69
CA ARG A 137 -6.96 -6.09 12.54
C ARG A 137 -7.27 -5.84 14.00
N THR A 138 -7.63 -6.91 14.69
CA THR A 138 -7.93 -6.87 16.10
C THR A 138 -7.39 -8.18 16.68
N VAL A 139 -7.43 -8.33 17.99
CA VAL A 139 -6.92 -9.54 18.63
C VAL A 139 -8.04 -10.46 19.09
N LYS A 140 -7.98 -11.72 18.66
CA LYS A 140 -8.96 -12.72 19.04
C LYS A 140 -8.27 -13.99 19.58
N PHE A 141 -9.02 -14.75 20.37
CA PHE A 141 -8.49 -15.98 20.97
C PHE A 141 -8.17 -17.11 19.99
N GLU A 142 -7.06 -17.80 20.27
CA GLU A 142 -6.60 -18.92 19.46
C GLU A 142 -5.62 -19.79 20.24
N GLY A 143 -6.15 -20.63 21.13
CA GLY A 143 -5.31 -21.50 21.92
C GLY A 143 -4.56 -20.79 23.03
N ASP A 144 -3.26 -21.07 23.12
CA ASP A 144 -2.41 -20.47 24.14
C ASP A 144 -1.65 -19.26 23.62
N LYS A 145 -2.20 -18.62 22.58
CA LYS A 145 -1.57 -17.45 22.00
C LYS A 145 -2.58 -16.51 21.33
N LEU A 146 -2.26 -15.22 21.33
CA LEU A 146 -3.12 -14.23 20.72
C LEU A 146 -2.91 -14.23 19.21
N LYS A 147 -3.99 -14.45 18.47
CA LYS A 147 -3.89 -14.46 17.02
C LYS A 147 -4.58 -13.23 16.44
N HIS A 148 -3.97 -12.66 15.41
CA HIS A 148 -4.54 -11.48 14.78
C HIS A 148 -5.75 -11.88 13.94
N TRP A 149 -6.77 -11.03 13.98
CA TRP A 149 -7.98 -11.27 13.22
C TRP A 149 -8.22 -10.09 12.28
N ASP A 150 -8.23 -10.39 10.98
CA ASP A 150 -8.45 -9.38 9.95
C ASP A 150 -9.91 -9.00 9.83
N LEU A 151 -10.17 -7.70 9.88
CA LEU A 151 -11.53 -7.16 9.79
C LEU A 151 -11.85 -6.55 8.44
N TYR A 152 -13.14 -6.44 8.15
CA TYR A 152 -13.64 -5.86 6.91
C TYR A 152 -14.61 -4.74 7.29
N PRO A 153 -14.92 -3.83 6.35
CA PRO A 153 -15.83 -2.72 6.62
C PRO A 153 -17.19 -3.09 7.21
N HIS A 154 -17.66 -4.32 6.98
CA HIS A 154 -18.95 -4.71 7.53
C HIS A 154 -18.86 -5.20 8.97
N ASP A 155 -17.64 -5.29 9.51
CA ASP A 155 -17.44 -5.71 10.89
C ASP A 155 -17.66 -4.54 11.85
N GLU A 156 -18.38 -4.81 12.94
CA GLU A 156 -18.66 -3.77 13.94
C GLU A 156 -17.43 -3.05 14.46
N LEU A 157 -16.33 -3.80 14.65
CA LEU A 157 -15.10 -3.21 15.17
C LEU A 157 -14.21 -2.52 14.13
N PHE A 158 -14.50 -2.72 12.86
CA PHE A 158 -13.69 -2.13 11.78
C PHE A 158 -13.35 -0.65 11.97
N LEU A 159 -14.38 0.19 12.00
CA LEU A 159 -14.17 1.62 12.13
C LEU A 159 -13.34 2.01 13.36
N ASP A 160 -13.72 1.52 14.54
CA ASP A 160 -12.96 1.87 15.74
C ASP A 160 -11.53 1.38 15.66
N ARG A 161 -11.32 0.20 15.08
CA ARG A 161 -9.98 -0.34 14.93
C ARG A 161 -9.19 0.54 13.94
N LEU A 162 -9.82 0.91 12.82
CA LEU A 162 -9.14 1.75 11.84
C LEU A 162 -8.77 3.09 12.48
N ARG A 163 -9.71 3.65 13.24
CA ARG A 163 -9.45 4.92 13.91
C ARG A 163 -8.22 4.84 14.81
N LYS A 164 -8.16 3.81 15.65
CA LYS A 164 -7.04 3.65 16.57
C LYS A 164 -5.72 3.47 15.83
N VAL A 165 -5.73 2.62 14.80
CA VAL A 165 -4.54 2.37 14.02
C VAL A 165 -4.00 3.66 13.41
N MET A 166 -4.88 4.46 12.81
CA MET A 166 -4.45 5.71 12.19
C MET A 166 -3.86 6.68 13.22
N LEU A 167 -4.47 6.76 14.40
CA LEU A 167 -3.95 7.66 15.44
C LEU A 167 -2.56 7.22 15.91
N LEU A 168 -2.39 5.92 16.09
CA LEU A 168 -1.12 5.35 16.54
C LEU A 168 -0.01 5.58 15.51
N ARG A 169 -0.31 5.29 14.24
CA ARG A 169 0.67 5.48 13.17
C ARG A 169 1.02 6.96 13.02
N TYR A 170 0.00 7.82 13.08
CA TYR A 170 0.20 9.26 12.95
C TYR A 170 1.13 9.79 14.06
N HIS A 171 0.94 9.32 15.28
CA HIS A 171 1.78 9.75 16.39
C HIS A 171 3.24 9.35 16.17
N GLU A 172 3.44 8.09 15.79
CA GLU A 172 4.78 7.58 15.55
C GLU A 172 5.45 8.25 14.35
N VAL A 173 4.75 8.34 13.23
CA VAL A 173 5.32 8.93 12.02
C VAL A 173 5.43 10.46 12.04
N MET A 174 4.36 11.14 12.44
CA MET A 174 4.36 12.60 12.47
C MET A 174 4.97 13.19 13.76
N GLY A 175 5.09 12.38 14.80
CA GLY A 175 5.68 12.90 16.03
C GLY A 175 4.70 13.17 17.15
N ASP A 176 3.44 13.47 16.82
CA ASP A 176 2.43 13.72 17.83
C ASP A 176 1.06 13.39 17.27
N LEU A 177 0.06 13.34 18.15
CA LEU A 177 -1.30 13.04 17.73
C LEU A 177 -1.83 14.22 16.93
N PRO A 178 -2.77 13.97 16.00
CA PRO A 178 -3.35 15.04 15.19
C PRO A 178 -4.33 15.83 16.05
N GLU A 179 -4.49 17.12 15.75
CA GLU A 179 -5.40 17.94 16.52
C GLU A 179 -6.82 17.37 16.42
N ASP A 180 -7.25 17.06 15.19
CA ASP A 180 -8.56 16.49 14.97
C ASP A 180 -8.37 14.98 14.81
N LYS A 181 -8.92 14.22 15.76
CA LYS A 181 -8.77 12.77 15.74
C LYS A 181 -10.00 12.00 15.28
N ASP A 182 -11.04 12.71 14.85
CA ASP A 182 -12.26 12.02 14.46
C ASP A 182 -12.60 11.94 12.97
N PHE A 183 -13.15 10.80 12.56
CA PHE A 183 -13.56 10.58 11.19
C PHE A 183 -14.47 9.38 11.08
N ARG A 184 -15.22 9.30 9.98
CA ARG A 184 -16.11 8.18 9.72
C ARG A 184 -16.00 7.87 8.25
N ILE A 185 -16.52 6.72 7.83
CA ILE A 185 -16.47 6.35 6.43
C ILE A 185 -17.77 5.70 6.01
N GLU A 186 -18.09 5.76 4.73
CA GLU A 186 -19.28 5.11 4.24
C GLU A 186 -18.84 4.29 3.03
N LEU A 187 -19.08 2.99 3.11
CA LEU A 187 -18.71 2.07 2.05
C LEU A 187 -19.50 2.29 0.77
N ILE A 188 -18.79 2.33 -0.36
CA ILE A 188 -19.44 2.50 -1.65
C ILE A 188 -19.31 1.20 -2.44
N LYS A 189 -18.10 0.64 -2.47
CA LYS A 189 -17.84 -0.62 -3.17
C LYS A 189 -16.93 -1.47 -2.29
N PHE A 190 -17.07 -2.79 -2.37
CA PHE A 190 -16.25 -3.67 -1.54
C PHE A 190 -16.06 -5.09 -2.07
N LYS A 191 -14.85 -5.62 -1.90
CA LYS A 191 -14.52 -6.98 -2.28
C LYS A 191 -13.35 -7.42 -1.40
N PRO A 192 -13.50 -8.55 -0.70
CA PRO A 192 -12.45 -9.08 0.17
C PRO A 192 -11.28 -9.64 -0.61
N THR A 193 -10.12 -9.67 0.02
CA THR A 193 -8.93 -10.19 -0.64
C THR A 193 -8.10 -10.98 0.37
N ARG A 194 -7.27 -11.89 -0.14
CA ARG A 194 -6.42 -12.71 0.70
C ARG A 194 -5.08 -12.84 0.01
N LEU A 195 -4.02 -12.48 0.71
CA LEU A 195 -2.68 -12.53 0.14
C LEU A 195 -1.67 -13.08 1.13
N ILE A 196 -0.75 -13.90 0.62
CA ILE A 196 0.30 -14.44 1.47
C ILE A 196 1.40 -13.40 1.48
N VAL A 197 1.76 -12.94 2.67
CA VAL A 197 2.83 -11.96 2.82
C VAL A 197 3.94 -12.67 3.58
N LYS A 198 4.96 -13.06 2.83
CA LYS A 198 6.10 -13.79 3.39
C LYS A 198 5.68 -15.21 3.78
N ASP A 199 5.14 -15.37 4.99
CA ASP A 199 4.75 -16.69 5.46
C ASP A 199 3.34 -16.78 6.03
N SER A 200 2.59 -15.68 6.00
CA SER A 200 1.24 -15.67 6.54
C SER A 200 0.23 -14.96 5.66
N TYR A 201 -1.01 -15.42 5.70
CA TYR A 201 -2.09 -14.81 4.94
C TYR A 201 -2.47 -13.49 5.61
N ILE A 202 -2.75 -12.49 4.79
CA ILE A 202 -3.20 -11.21 5.30
C ILE A 202 -4.46 -10.93 4.50
N ARG A 203 -5.57 -10.74 5.20
CA ARG A 203 -6.83 -10.48 4.54
C ARG A 203 -7.16 -9.00 4.65
N GLY A 204 -7.59 -8.42 3.54
CA GLY A 204 -7.91 -7.00 3.53
C GLY A 204 -9.08 -6.69 2.62
N SER A 205 -9.31 -5.41 2.40
CA SER A 205 -10.43 -4.99 1.58
C SER A 205 -10.04 -4.08 0.43
N LEU A 206 -10.48 -4.44 -0.78
CA LEU A 206 -10.27 -3.58 -1.93
C LEU A 206 -11.56 -2.80 -1.79
N MET A 207 -11.50 -1.48 -1.77
CA MET A 207 -12.74 -0.74 -1.55
C MET A 207 -12.74 0.71 -2.01
N VAL A 208 -13.95 1.22 -2.19
CA VAL A 208 -14.16 2.61 -2.56
C VAL A 208 -15.01 3.08 -1.38
N PHE A 209 -14.60 4.16 -0.74
CA PHE A 209 -15.35 4.67 0.40
C PHE A 209 -15.27 6.17 0.49
N ARG A 210 -16.31 6.76 1.07
CA ARG A 210 -16.33 8.20 1.25
C ARG A 210 -15.86 8.44 2.68
N TYR A 211 -14.87 9.30 2.84
CA TYR A 211 -14.29 9.62 4.14
C TYR A 211 -14.83 10.97 4.63
N TYR A 212 -15.24 11.04 5.89
CA TYR A 212 -15.75 12.27 6.50
C TYR A 212 -14.96 12.60 7.77
N GLY A 213 -14.40 13.79 7.87
CA GLY A 213 -13.70 14.13 9.09
C GLY A 213 -12.35 14.79 9.03
N SER A 214 -11.51 14.41 9.99
CA SER A 214 -10.17 14.95 10.14
C SER A 214 -9.36 15.01 8.86
N LYS A 215 -8.96 16.23 8.49
CA LYS A 215 -8.18 16.44 7.29
C LYS A 215 -6.75 15.91 7.49
N GLU A 216 -6.22 16.05 8.72
CA GLU A 216 -4.88 15.56 9.04
C GLU A 216 -4.80 14.05 8.83
N ILE A 217 -5.81 13.32 9.28
CA ILE A 217 -5.80 11.87 9.14
C ILE A 217 -6.04 11.45 7.69
N ALA A 218 -6.89 12.18 6.98
CA ALA A 218 -7.17 11.87 5.58
C ALA A 218 -5.89 12.04 4.77
N LYS A 219 -5.15 13.11 5.05
CA LYS A 219 -3.90 13.39 4.35
C LYS A 219 -2.86 12.33 4.68
N PHE A 220 -2.81 11.91 5.94
CA PHE A 220 -1.88 10.89 6.38
C PHE A 220 -2.16 9.57 5.67
N GLY A 221 -3.44 9.20 5.59
CA GLY A 221 -3.83 7.95 4.94
C GLY A 221 -3.58 8.01 3.43
N TYR A 222 -3.78 9.18 2.86
CA TYR A 222 -3.55 9.37 1.43
C TYR A 222 -2.07 9.23 1.10
N GLU A 223 -1.22 9.81 1.94
CA GLU A 223 0.21 9.76 1.70
C GLU A 223 0.92 8.49 2.19
N ASN A 224 0.47 7.95 3.32
CA ASN A 224 1.10 6.74 3.89
C ASN A 224 0.24 5.49 3.91
N GLY A 225 -0.94 5.56 3.31
CA GLY A 225 -1.83 4.42 3.27
C GLY A 225 -2.77 4.36 4.48
N PHE A 226 -3.93 3.74 4.29
CA PHE A 226 -4.90 3.57 5.37
C PHE A 226 -4.73 2.18 5.95
N GLY A 227 -4.88 2.07 7.27
CA GLY A 227 -4.76 0.76 7.89
C GLY A 227 -3.38 0.33 8.33
N GLU A 228 -3.18 -0.98 8.40
CA GLU A 228 -1.91 -1.55 8.85
C GLU A 228 -1.13 -2.21 7.73
N LYS A 229 0.12 -2.56 8.04
CA LYS A 229 1.00 -3.23 7.09
C LYS A 229 1.22 -2.44 5.80
N THR A 230 1.05 -1.12 5.85
CA THR A 230 1.19 -0.33 4.64
C THR A 230 2.55 -0.45 3.95
N ASN A 231 3.62 -0.57 4.73
CA ASN A 231 4.96 -0.67 4.16
C ASN A 231 5.17 -1.99 3.42
N LEU A 232 4.27 -2.95 3.63
CA LEU A 232 4.37 -4.24 2.94
C LEU A 232 3.54 -4.20 1.66
N GLY A 233 3.03 -3.02 1.32
CA GLY A 233 2.26 -2.87 0.10
C GLY A 233 0.75 -2.91 0.27
N PHE A 234 0.27 -2.29 1.35
CA PHE A 234 -1.16 -2.26 1.64
C PHE A 234 -1.71 -0.88 1.97
N GLY A 235 -3.03 -0.74 1.81
CA GLY A 235 -3.70 0.49 2.17
C GLY A 235 -3.53 1.72 1.32
N MET A 236 -2.88 1.60 0.17
CA MET A 236 -2.68 2.78 -0.66
C MET A 236 -3.99 3.12 -1.37
N VAL A 237 -4.31 4.40 -1.43
CA VAL A 237 -5.54 4.82 -2.09
C VAL A 237 -5.28 6.00 -3.03
N LYS A 238 -6.26 6.24 -3.90
CA LYS A 238 -6.21 7.37 -4.82
C LYS A 238 -7.51 8.12 -4.60
N ILE A 239 -7.57 9.37 -5.03
CA ILE A 239 -8.78 10.16 -4.90
C ILE A 239 -9.59 10.09 -6.19
N ILE A 240 -10.90 10.00 -6.08
CA ILE A 240 -11.77 9.99 -7.24
C ILE A 240 -12.83 11.08 -7.06
N GLU A 241 -13.11 11.81 -8.14
CA GLU A 241 -14.08 12.90 -8.09
C GLU A 241 -15.50 12.40 -7.78
N GLU A 242 -15.85 11.24 -8.30
CA GLU A 242 -17.17 10.66 -8.06
C GLU A 242 -17.28 9.25 -8.64
N GLN A 243 -17.28 8.25 -7.75
CA GLN A 243 -17.39 6.86 -8.17
C GLN A 243 -17.65 5.95 -6.97
#